data_6J4V
#
_entry.id   6J4V
#
_cell.length_a   82.281
_cell.length_b   122.413
_cell.length_c   194.269
_cell.angle_alpha   90.00
_cell.angle_beta   90.00
_cell.angle_gamma   90.00
#
_symmetry.space_group_name_H-M   'F 2 2 2'
#
loop_
_entity.id
_entity.type
_entity.pdbx_description
1 polymer 'Tubulinyl-Tyr carboxypeptidase 2'
2 polymer 'Small vasohibin-binding protein'
3 polymer 'Tubulin alpha-1B chain'
4 non-polymer 'PHOSPHATE ION'
5 non-polymer GLYCEROL
6 water water
#
loop_
_entity_poly.entity_id
_entity_poly.type
_entity_poly.pdbx_seq_one_letter_code
_entity_poly.pdbx_strand_id
1 'polypeptide(L)'
;GVLFHVNKSGFPIDSHTWERMWMHVAKVHPKGGEMVGAIRNAAFLAKPSIPQVPNYRLSMTIPDWLQAIQNYMKTLQYNH
TGTQFFEIRKMRPLSGLMETAKEMTRESLPIKCLEAVILGIYLTNGQPSIERFPISFKTYFSGNYFHHVVLGIYCNGRYG
SLGMSRRAELMDKPLTFRTLSDLIFDFEDSYKKYLHTVKKVKIGLYVPHEPHSFQPIEWKQLVLNVSKMLRADIRKELEK
YARDMRMKILK
;
A
2 'polypeptide(L)' MDPPARKEKTKVKESVSRVEKAKQKSAQQELKQRQRAEIYALNRVMTELEQQQFDEFSKQMQPPGE B
3 'polypeptide(L)' DYEEVGVDSVEGEGEEEGECY C
#
# COMPACT_ATOMS: atom_id res chain seq x y z
N PHE A 4 -2.81 7.13 13.51
CA PHE A 4 -2.37 5.78 13.12
C PHE A 4 -3.16 4.70 13.84
N HIS A 5 -4.49 4.73 13.68
CA HIS A 5 -5.37 3.71 14.23
C HIS A 5 -5.60 2.60 13.21
N VAL A 6 -5.84 1.38 13.71
CA VAL A 6 -6.14 0.21 12.88
C VAL A 6 -7.48 -0.35 13.30
N ASN A 7 -8.33 -0.66 12.32
CA ASN A 7 -9.60 -1.33 12.62
C ASN A 7 -9.33 -2.80 12.95
N LYS A 8 -9.55 -3.17 14.19
CA LYS A 8 -9.47 -4.57 14.59
C LYS A 8 -10.84 -5.18 14.79
N SER A 9 -11.90 -4.48 14.41
CA SER A 9 -13.27 -4.89 14.73
C SER A 9 -14.00 -5.54 13.56
N GLY A 10 -13.35 -5.70 12.41
CA GLY A 10 -14.09 -6.28 11.29
C GLY A 10 -15.06 -5.30 10.65
N PHE A 11 -16.13 -5.86 10.08
CA PHE A 11 -17.10 -5.08 9.30
C PHE A 11 -18.52 -5.59 9.53
N PRO A 12 -19.47 -4.70 9.88
CA PRO A 12 -19.29 -3.24 9.99
C PRO A 12 -18.37 -2.82 11.13
N ILE A 13 -17.75 -1.65 10.99
CA ILE A 13 -16.81 -1.16 11.99
C ILE A 13 -17.56 -0.84 13.27
N ASP A 14 -17.01 -1.23 14.42
CA ASP A 14 -17.74 -1.05 15.67
C ASP A 14 -17.70 0.41 16.13
N SER A 15 -18.51 0.72 17.16
CA SER A 15 -18.70 2.10 17.58
C SER A 15 -17.38 2.75 17.98
N HIS A 16 -16.62 2.08 18.87
CA HIS A 16 -15.37 2.66 19.36
C HIS A 16 -14.45 3.03 18.19
N THR A 17 -14.27 2.10 17.25
CA THR A 17 -13.38 2.37 16.12
C THR A 17 -13.95 3.45 15.22
N TRP A 18 -15.26 3.44 15.04
CA TRP A 18 -15.91 4.41 14.14
C TRP A 18 -15.85 5.81 14.75
N GLU A 19 -16.18 5.95 16.02
CA GLU A 19 -16.11 7.26 16.67
C GLU A 19 -14.68 7.76 16.76
N ARG A 20 -13.72 6.86 16.97
CA ARG A 20 -12.33 7.28 17.01
C ARG A 20 -11.88 7.84 15.67
N MET A 21 -12.28 7.20 14.57
CA MET A 21 -11.94 7.74 13.26
C MET A 21 -12.43 9.17 13.10
N TRP A 22 -13.71 9.41 13.40
CA TRP A 22 -14.29 10.73 13.24
C TRP A 22 -13.62 11.76 14.12
N MET A 23 -13.17 11.38 15.32
CA MET A 23 -12.54 12.37 16.18
C MET A 23 -11.16 12.73 15.69
N HIS A 24 -10.44 11.76 15.15
CA HIS A 24 -9.13 12.04 14.57
C HIS A 24 -9.24 13.06 13.43
N VAL A 25 -10.11 12.79 12.46
CA VAL A 25 -10.22 13.69 11.31
C VAL A 25 -10.79 15.04 11.73
N ALA A 26 -11.64 15.07 12.76
CA ALA A 26 -12.12 16.35 13.27
C ALA A 26 -10.97 17.17 13.83
N LYS A 27 -10.03 16.51 14.51
CA LYS A 27 -8.85 17.20 15.01
C LYS A 27 -7.95 17.65 13.86
N VAL A 28 -7.73 16.76 12.90
CA VAL A 28 -6.76 17.01 11.82
C VAL A 28 -7.28 18.10 10.87
N HIS A 29 -8.55 18.03 10.51
CA HIS A 29 -9.07 18.95 9.50
C HIS A 29 -9.34 20.33 10.11
N PRO A 30 -8.98 21.41 9.40
CA PRO A 30 -9.20 22.76 9.98
C PRO A 30 -10.66 23.15 10.12
N LYS A 31 -11.56 22.61 9.32
CA LYS A 31 -12.98 22.84 9.52
C LYS A 31 -13.62 21.81 10.44
N GLY A 32 -12.84 20.84 10.90
CA GLY A 32 -13.21 19.84 11.90
C GLY A 32 -14.67 19.47 12.10
N GLY A 33 -15.29 20.05 13.12
CA GLY A 33 -16.66 19.69 13.45
C GLY A 33 -17.63 19.95 12.32
N GLU A 34 -17.45 21.06 11.61
CA GLU A 34 -18.32 21.38 10.47
C GLU A 34 -18.17 20.33 9.37
N MET A 35 -16.94 19.88 9.13
CA MET A 35 -16.71 18.86 8.09
C MET A 35 -17.36 17.54 8.50
N VAL A 36 -17.07 17.06 9.72
CA VAL A 36 -17.63 15.80 10.21
C VAL A 36 -19.15 15.84 10.22
N GLY A 37 -19.73 16.95 10.66
CA GLY A 37 -21.19 17.08 10.65
C GLY A 37 -21.78 17.06 9.26
N ALA A 38 -21.02 17.51 8.26
CA ALA A 38 -21.54 17.51 6.90
C ALA A 38 -21.64 16.10 6.35
N ILE A 39 -20.80 15.18 6.81
CA ILE A 39 -20.79 13.83 6.29
C ILE A 39 -21.61 12.87 7.15
N ARG A 40 -21.41 12.90 8.47
CA ARG A 40 -22.09 11.94 9.34
C ARG A 40 -23.59 12.17 9.29
N ASN A 41 -24.34 11.08 9.05
CA ASN A 41 -25.80 11.14 8.96
C ASN A 41 -26.30 12.07 7.85
N ALA A 42 -25.48 12.30 6.82
CA ALA A 42 -25.96 13.03 5.64
C ALA A 42 -26.89 12.14 4.83
N ALA A 43 -28.02 12.71 4.39
CA ALA A 43 -29.09 11.90 3.82
C ALA A 43 -28.92 11.58 2.33
N PHE A 44 -27.96 12.18 1.64
CA PHE A 44 -27.87 12.04 0.20
C PHE A 44 -26.43 11.83 -0.23
N LEU A 45 -25.74 10.94 0.46
CA LEU A 45 -24.38 10.57 0.09
C LEU A 45 -24.43 9.61 -1.09
N ALA A 46 -23.62 9.91 -2.12
CA ALA A 46 -23.42 8.98 -3.21
C ALA A 46 -22.99 7.62 -2.66
N LYS A 47 -23.61 6.57 -3.18
CA LYS A 47 -23.15 5.22 -2.95
C LYS A 47 -21.99 4.99 -3.91
N PRO A 48 -20.75 4.88 -3.42
CA PRO A 48 -19.62 4.72 -4.34
C PRO A 48 -19.75 3.41 -5.11
N SER A 49 -19.44 3.47 -6.40
CA SER A 49 -19.45 2.26 -7.20
C SER A 49 -18.37 1.31 -6.71
N ILE A 50 -18.57 0.03 -6.95
CA ILE A 50 -17.64 -1.02 -6.53
C ILE A 50 -16.83 -1.45 -7.75
N PRO A 51 -15.52 -1.23 -7.76
CA PRO A 51 -14.72 -1.59 -8.93
C PRO A 51 -14.58 -3.10 -9.07
N GLN A 52 -14.57 -3.55 -10.31
CA GLN A 52 -14.38 -4.96 -10.61
C GLN A 52 -12.97 -5.39 -10.22
N VAL A 53 -12.87 -6.57 -9.61
CA VAL A 53 -11.56 -7.10 -9.23
C VAL A 53 -10.82 -7.55 -10.48
N PRO A 54 -9.57 -7.14 -10.67
CA PRO A 54 -8.84 -7.57 -11.87
C PRO A 54 -8.49 -9.05 -11.83
N ASN A 55 -8.47 -9.67 -13.01
CA ASN A 55 -8.15 -11.08 -13.15
C ASN A 55 -7.40 -11.28 -14.45
N TYR A 56 -6.25 -11.96 -14.36
CA TYR A 56 -5.44 -12.18 -15.57
C TYR A 56 -6.21 -13.06 -16.55
N ARG A 57 -6.25 -12.60 -17.80
CA ARG A 57 -6.69 -13.44 -18.92
C ARG A 57 -5.59 -13.47 -19.98
N LEU A 58 -5.54 -14.59 -20.72
CA LEU A 58 -4.52 -14.78 -21.74
C LEU A 58 -4.54 -13.69 -22.80
N SER A 59 -5.68 -13.02 -23.00
CA SER A 59 -5.75 -11.95 -23.97
C SER A 59 -5.02 -10.67 -23.53
N MET A 60 -4.50 -10.62 -22.30
CA MET A 60 -3.86 -9.41 -21.76
C MET A 60 -2.33 -9.54 -21.79
N THR A 61 -1.65 -8.47 -22.19
CA THR A 61 -0.22 -8.41 -21.93
C THR A 61 0.02 -8.32 -20.44
N ILE A 62 1.18 -8.79 -19.99
CA ILE A 62 1.52 -8.71 -18.57
C ILE A 62 1.56 -7.26 -18.11
N PRO A 63 2.15 -6.31 -18.84
CA PRO A 63 2.11 -4.92 -18.38
C PRO A 63 0.69 -4.37 -18.27
N ASP A 64 -0.20 -4.71 -19.20
CA ASP A 64 -1.57 -4.20 -19.09
C ASP A 64 -2.27 -4.82 -17.89
N TRP A 65 -1.98 -6.09 -17.60
CA TRP A 65 -2.55 -6.73 -16.43
C TRP A 65 -2.07 -6.07 -15.16
N LEU A 66 -0.75 -5.86 -15.05
CA LEU A 66 -0.20 -5.18 -13.88
C LEU A 66 -0.77 -3.76 -13.75
N GLN A 67 -0.97 -3.09 -14.88
CA GLN A 67 -1.52 -1.74 -14.80
C GLN A 67 -2.95 -1.79 -14.29
N ALA A 68 -3.69 -2.83 -14.70
CA ALA A 68 -5.06 -3.03 -14.21
C ALA A 68 -5.07 -3.28 -12.70
N ILE A 69 -4.14 -4.09 -12.20
CA ILE A 69 -4.01 -4.26 -10.75
C ILE A 69 -3.76 -2.92 -10.07
N GLN A 70 -2.79 -2.17 -10.59
CA GLN A 70 -2.45 -0.89 -9.97
C GLN A 70 -3.60 0.10 -10.05
N ASN A 71 -4.32 0.12 -11.19
CA ASN A 71 -5.47 1.01 -11.30
C ASN A 71 -6.57 0.63 -10.31
N TYR A 72 -6.76 -0.67 -10.11
CA TYR A 72 -7.71 -1.12 -9.10
C TYR A 72 -7.35 -0.55 -7.73
N MET A 73 -6.07 -0.66 -7.35
CA MET A 73 -5.63 -0.10 -6.07
C MET A 73 -5.89 1.41 -6.01
N LYS A 74 -5.58 2.11 -7.09
CA LYS A 74 -5.82 3.54 -7.15
C LYS A 74 -7.31 3.85 -7.04
N THR A 75 -8.15 2.98 -7.58
CA THR A 75 -9.58 3.21 -7.47
C THR A 75 -10.09 2.96 -6.05
N LEU A 76 -9.53 1.97 -5.35
CA LEU A 76 -9.83 1.85 -3.93
C LEU A 76 -9.48 3.14 -3.18
N GLN A 77 -8.42 3.82 -3.63
CA GLN A 77 -7.88 5.08 -3.13
C GLN A 77 -6.90 4.88 -1.98
N TYR A 78 -5.92 5.77 -1.90
CA TYR A 78 -5.07 5.82 -0.72
C TYR A 78 -5.91 6.30 0.46
N ASN A 79 -5.72 5.64 1.60
CA ASN A 79 -6.55 5.88 2.78
C ASN A 79 -5.95 7.06 3.53
N HIS A 80 -6.58 8.23 3.40
CA HIS A 80 -6.21 9.42 4.16
C HIS A 80 -7.07 9.63 5.40
N THR A 81 -7.88 8.65 5.81
CA THR A 81 -8.76 8.91 6.95
C THR A 81 -8.06 8.83 8.29
N GLY A 82 -6.86 8.25 8.36
CA GLY A 82 -6.23 8.02 9.64
C GLY A 82 -6.59 6.70 10.31
N THR A 83 -7.58 5.97 9.79
CA THR A 83 -7.95 4.67 10.32
C THR A 83 -7.75 3.62 9.22
N GLN A 84 -6.74 2.77 9.40
CA GLN A 84 -6.53 1.65 8.50
C GLN A 84 -7.64 0.62 8.69
N PHE A 85 -8.29 0.23 7.60
CA PHE A 85 -9.53 -0.54 7.69
C PHE A 85 -9.32 -2.03 7.75
N PHE A 86 -8.17 -2.54 7.29
CA PHE A 86 -7.87 -3.96 7.30
C PHE A 86 -6.58 -4.18 8.09
N GLU A 87 -6.69 -4.93 9.18
CA GLU A 87 -5.51 -5.22 9.98
C GLU A 87 -4.58 -6.18 9.23
N ILE A 88 -3.30 -5.82 9.15
CA ILE A 88 -2.27 -6.67 8.54
C ILE A 88 -1.24 -6.99 9.62
N ARG A 89 -1.20 -8.23 10.07
CA ARG A 89 -0.10 -8.73 10.89
C ARG A 89 0.96 -9.26 9.93
N LYS A 90 2.09 -8.53 9.82
CA LYS A 90 3.09 -8.78 8.79
C LYS A 90 3.70 -10.18 8.87
N MET A 91 3.70 -10.79 10.04
CA MET A 91 4.33 -12.08 10.22
C MET A 91 3.35 -13.23 10.12
N ARG A 92 2.08 -12.95 9.87
CA ARG A 92 1.08 -14.00 9.73
C ARG A 92 1.38 -14.83 8.49
N PRO A 93 1.05 -16.12 8.50
CA PRO A 93 1.21 -16.93 7.29
C PRO A 93 0.48 -16.31 6.11
N LEU A 94 0.99 -16.58 4.90
CA LEU A 94 0.41 -16.02 3.69
C LEU A 94 -1.05 -16.45 3.54
N SER A 95 -1.36 -17.70 3.90
CA SER A 95 -2.73 -18.18 3.79
C SER A 95 -3.71 -17.27 4.53
N GLY A 96 -3.30 -16.75 5.69
CA GLY A 96 -4.16 -15.84 6.41
C GLY A 96 -4.20 -14.48 5.74
N LEU A 97 -3.05 -13.96 5.34
CA LEU A 97 -3.01 -12.67 4.66
C LEU A 97 -3.85 -12.66 3.39
N MET A 98 -3.94 -13.80 2.69
CA MET A 98 -4.70 -13.80 1.45
C MET A 98 -6.21 -13.77 1.71
N GLU A 99 -6.66 -14.34 2.83
CA GLU A 99 -8.04 -14.14 3.25
C GLU A 99 -8.34 -12.67 3.48
N THR A 100 -7.39 -11.95 4.09
CA THR A 100 -7.60 -10.51 4.27
C THR A 100 -7.65 -9.79 2.93
N ALA A 101 -6.73 -10.14 2.02
CA ALA A 101 -6.74 -9.52 0.70
C ALA A 101 -8.09 -9.73 0.01
N LYS A 102 -8.62 -10.95 0.06
CA LYS A 102 -9.94 -11.18 -0.49
C LYS A 102 -10.97 -10.29 0.18
N GLU A 103 -10.84 -10.11 1.50
CA GLU A 103 -11.76 -9.25 2.22
C GLU A 103 -11.66 -7.81 1.71
N MET A 104 -10.45 -7.37 1.36
CA MET A 104 -10.29 -6.05 0.75
C MET A 104 -11.07 -5.94 -0.56
N THR A 105 -11.04 -6.98 -1.39
CA THR A 105 -11.79 -6.90 -2.64
C THR A 105 -13.29 -6.95 -2.38
N ARG A 106 -13.70 -7.63 -1.31
CA ARG A 106 -15.13 -7.70 -1.02
C ARG A 106 -15.65 -6.42 -0.37
N GLU A 107 -14.92 -5.87 0.60
CA GLU A 107 -15.45 -4.68 1.28
C GLU A 107 -15.14 -3.40 0.52
N SER A 108 -14.03 -3.39 -0.24
CA SER A 108 -13.76 -2.37 -1.25
C SER A 108 -13.68 -0.98 -0.62
N LEU A 109 -12.65 -0.79 0.18
CA LEU A 109 -12.39 0.44 0.93
C LEU A 109 -11.00 0.96 0.63
N PRO A 110 -10.69 2.21 1.01
CA PRO A 110 -9.33 2.74 0.77
C PRO A 110 -8.27 1.95 1.52
N ILE A 111 -7.03 1.97 0.99
CA ILE A 111 -5.95 1.19 1.56
C ILE A 111 -4.69 2.03 1.65
N LYS A 112 -3.75 1.59 2.49
CA LYS A 112 -2.44 2.22 2.55
C LYS A 112 -1.37 1.24 2.05
N CYS A 113 -0.10 1.51 2.36
CA CYS A 113 0.98 0.83 1.65
C CYS A 113 1.05 -0.65 1.99
N LEU A 114 0.93 -1.01 3.27
CA LEU A 114 1.11 -2.42 3.63
C LEU A 114 -0.04 -3.27 3.08
N GLU A 115 -1.28 -2.78 3.23
CA GLU A 115 -2.41 -3.48 2.62
C GLU A 115 -2.23 -3.63 1.12
N ALA A 116 -1.69 -2.62 0.45
CA ALA A 116 -1.49 -2.70 -0.99
C ALA A 116 -0.51 -3.81 -1.36
N VAL A 117 0.55 -4.00 -0.56
CA VAL A 117 1.53 -5.05 -0.85
C VAL A 117 0.85 -6.41 -0.76
N ILE A 118 0.07 -6.61 0.31
CA ILE A 118 -0.68 -7.86 0.48
C ILE A 118 -1.64 -8.05 -0.69
N LEU A 119 -2.33 -6.98 -1.08
CA LEU A 119 -3.29 -7.08 -2.18
C LEU A 119 -2.59 -7.38 -3.49
N GLY A 120 -1.44 -6.75 -3.74
CA GLY A 120 -0.71 -7.02 -4.97
C GLY A 120 -0.19 -8.44 -5.06
N ILE A 121 0.13 -9.05 -3.91
CA ILE A 121 0.51 -10.46 -3.88
C ILE A 121 -0.69 -11.31 -4.26
N TYR A 122 -1.82 -11.04 -3.63
CA TYR A 122 -3.05 -11.77 -3.92
C TYR A 122 -3.40 -11.70 -5.40
N LEU A 123 -3.34 -10.52 -6.00
CA LEU A 123 -3.78 -10.36 -7.38
C LEU A 123 -2.78 -10.88 -8.41
N THR A 124 -1.52 -11.10 -8.02
CA THR A 124 -0.54 -11.70 -8.92
C THR A 124 -0.25 -13.16 -8.62
N ASN A 125 -0.80 -13.72 -7.54
CA ASN A 125 -0.67 -15.15 -7.28
C ASN A 125 -1.15 -15.94 -8.50
N GLY A 126 -0.35 -16.91 -8.94
CA GLY A 126 -0.79 -17.77 -10.01
C GLY A 126 -0.30 -17.38 -11.39
N GLN A 127 0.49 -16.32 -11.51
CA GLN A 127 1.19 -16.00 -12.74
C GLN A 127 2.69 -16.19 -12.52
N PRO A 128 3.22 -17.40 -12.73
CA PRO A 128 4.61 -17.67 -12.34
C PRO A 128 5.63 -16.79 -13.05
N SER A 129 5.26 -16.14 -14.16
CA SER A 129 6.17 -15.24 -14.85
C SER A 129 6.52 -14.01 -14.02
N ILE A 130 5.71 -13.71 -13.01
CA ILE A 130 5.91 -12.55 -12.15
C ILE A 130 6.48 -13.05 -10.84
N GLU A 131 7.69 -12.61 -10.50
CA GLU A 131 8.20 -12.82 -9.15
C GLU A 131 7.95 -11.56 -8.33
N ARG A 132 7.54 -11.76 -7.08
CA ARG A 132 7.13 -10.69 -6.17
C ARG A 132 8.00 -10.75 -4.92
N PHE A 133 8.40 -9.57 -4.42
CA PHE A 133 9.20 -9.50 -3.19
C PHE A 133 9.00 -8.13 -2.56
N PRO A 134 8.83 -8.03 -1.25
CA PRO A 134 8.59 -6.72 -0.64
C PRO A 134 9.87 -5.90 -0.61
N ILE A 135 9.71 -4.60 -0.78
CA ILE A 135 10.79 -3.62 -0.62
C ILE A 135 10.36 -2.63 0.45
N SER A 136 11.10 -2.55 1.54
CA SER A 136 10.76 -1.68 2.66
C SER A 136 11.76 -0.56 2.77
N PHE A 137 11.25 0.63 3.12
CA PHE A 137 12.06 1.83 3.28
C PHE A 137 11.86 2.39 4.68
N LYS A 138 12.95 2.76 5.34
CA LYS A 138 12.88 3.66 6.47
C LYS A 138 13.53 4.98 6.05
N THR A 139 12.78 6.07 6.12
CA THR A 139 13.28 7.37 5.73
C THR A 139 13.21 8.34 6.89
N TYR A 140 13.95 9.43 6.76
CA TYR A 140 14.00 10.50 7.74
C TYR A 140 13.60 11.79 7.05
N PHE A 141 12.68 12.54 7.67
CA PHE A 141 12.26 13.82 7.10
C PHE A 141 11.92 14.77 8.25
N SER A 142 12.61 15.91 8.27
CA SER A 142 12.42 16.95 9.28
C SER A 142 12.23 16.36 10.67
N GLY A 143 13.20 15.53 11.08
CA GLY A 143 13.31 15.10 12.45
C GLY A 143 12.53 13.87 12.84
N ASN A 144 11.84 13.21 11.91
CA ASN A 144 11.09 12.00 12.22
C ASN A 144 11.41 10.92 11.21
N TYR A 145 11.19 9.68 11.62
CA TYR A 145 11.40 8.51 10.79
C TYR A 145 10.06 8.07 10.20
N PHE A 146 10.11 7.61 8.96
CA PHE A 146 8.94 7.15 8.24
C PHE A 146 9.22 5.76 7.70
N HIS A 147 8.23 4.89 7.76
CA HIS A 147 8.32 3.56 7.18
C HIS A 147 7.34 3.43 6.03
N HIS A 148 7.76 2.70 5.01
CA HIS A 148 7.00 2.56 3.79
C HIS A 148 7.42 1.25 3.14
N VAL A 149 6.50 0.63 2.40
CA VAL A 149 6.78 -0.65 1.75
C VAL A 149 6.04 -0.69 0.41
N VAL A 150 6.67 -1.30 -0.58
CA VAL A 150 6.05 -1.55 -1.88
C VAL A 150 6.32 -3.00 -2.29
N LEU A 151 5.63 -3.43 -3.35
CA LEU A 151 5.81 -4.79 -3.87
C LEU A 151 6.74 -4.73 -5.09
N GLY A 152 7.98 -5.13 -4.88
CA GLY A 152 8.88 -5.32 -6.01
C GLY A 152 8.40 -6.44 -6.91
N ILE A 153 8.66 -6.25 -8.21
CA ILE A 153 8.24 -7.15 -9.27
C ILE A 153 9.47 -7.44 -10.15
N TYR A 154 9.65 -8.71 -10.52
CA TYR A 154 10.69 -9.10 -11.48
C TYR A 154 10.03 -9.99 -12.54
N CYS A 155 10.16 -9.60 -13.80
CA CYS A 155 9.46 -10.31 -14.87
C CYS A 155 10.20 -10.07 -16.17
N ASN A 156 10.56 -11.17 -16.84
CA ASN A 156 11.22 -11.14 -18.14
C ASN A 156 12.49 -10.29 -18.11
N GLY A 157 13.30 -10.50 -17.07
CA GLY A 157 14.55 -9.76 -16.98
C GLY A 157 14.41 -8.31 -16.61
N ARG A 158 13.24 -7.85 -16.16
CA ARG A 158 13.05 -6.47 -15.77
C ARG A 158 12.43 -6.37 -14.38
N TYR A 159 12.74 -5.28 -13.69
CA TYR A 159 12.22 -5.01 -12.36
C TYR A 159 11.22 -3.87 -12.42
N GLY A 160 10.24 -3.93 -11.55
CA GLY A 160 9.29 -2.86 -11.37
C GLY A 160 8.67 -3.00 -10.00
N SER A 161 7.54 -2.32 -9.81
CA SER A 161 6.88 -2.39 -8.51
C SER A 161 5.41 -2.03 -8.65
N LEU A 162 4.64 -2.50 -7.66
CA LEU A 162 3.26 -2.13 -7.41
C LEU A 162 3.17 -1.61 -5.98
N GLY A 163 2.24 -0.71 -5.73
CA GLY A 163 2.05 -0.25 -4.36
C GLY A 163 1.07 0.91 -4.27
N MET A 164 0.96 1.42 -3.05
CA MET A 164 0.14 2.59 -2.76
C MET A 164 0.89 3.52 -1.83
N SER A 165 0.97 4.79 -2.22
CA SER A 165 1.64 5.79 -1.42
C SER A 165 0.86 7.08 -1.47
N ARG A 166 1.13 7.96 -0.51
CA ARG A 166 0.64 9.32 -0.60
C ARG A 166 1.23 10.04 -1.80
N ARG A 167 2.40 9.62 -2.27
CA ARG A 167 3.09 10.30 -3.36
C ARG A 167 3.11 9.40 -4.59
N ALA A 168 2.82 9.99 -5.76
CA ALA A 168 2.70 9.22 -6.99
C ALA A 168 4.00 8.56 -7.40
N GLU A 169 5.16 9.09 -6.97
CA GLU A 169 6.47 8.56 -7.35
C GLU A 169 7.04 7.53 -6.36
N LEU A 170 6.26 7.09 -5.38
CA LEU A 170 6.73 6.13 -4.38
C LEU A 170 5.87 4.88 -4.35
N MET A 171 5.36 4.45 -5.51
CA MET A 171 4.48 3.29 -5.53
C MET A 171 4.75 2.43 -6.76
N ASP A 172 3.95 2.56 -7.81
CA ASP A 172 4.14 1.73 -9.00
C ASP A 172 5.31 2.24 -9.81
N LYS A 173 6.08 1.29 -10.37
CA LYS A 173 7.17 1.59 -11.27
C LYS A 173 7.09 0.60 -12.43
N PRO A 174 7.26 1.06 -13.67
CA PRO A 174 7.09 0.15 -14.81
C PRO A 174 8.23 -0.86 -14.90
N LEU A 175 7.96 -1.95 -15.63
CA LEU A 175 8.93 -3.02 -15.83
C LEU A 175 10.02 -2.60 -16.83
N THR A 176 10.80 -1.60 -16.43
CA THR A 176 11.86 -1.08 -17.31
C THR A 176 13.21 -1.00 -16.63
N PHE A 177 13.34 -1.39 -15.37
CA PHE A 177 14.61 -1.31 -14.68
C PHE A 177 15.39 -2.60 -14.92
N ARG A 178 16.61 -2.45 -15.42
CA ARG A 178 17.38 -3.62 -15.79
C ARG A 178 18.04 -4.29 -14.59
N THR A 179 18.10 -3.61 -13.43
CA THR A 179 18.69 -4.18 -12.23
C THR A 179 17.88 -3.75 -11.01
N LEU A 180 18.02 -4.51 -9.92
CA LEU A 180 17.38 -4.11 -8.67
C LEU A 180 17.92 -2.77 -8.20
N SER A 181 19.23 -2.56 -8.36
CA SER A 181 19.84 -1.29 -7.96
C SER A 181 19.16 -0.11 -8.65
N ASP A 182 18.92 -0.23 -9.96
CA ASP A 182 18.27 0.88 -10.66
C ASP A 182 16.90 1.17 -10.08
N LEU A 183 16.13 0.11 -9.77
CA LEU A 183 14.82 0.31 -9.16
C LEU A 183 14.95 0.98 -7.79
N ILE A 184 15.89 0.50 -6.96
CA ILE A 184 16.03 1.08 -5.63
C ILE A 184 16.51 2.52 -5.72
N PHE A 185 17.45 2.79 -6.64
CA PHE A 185 17.97 4.14 -6.78
C PHE A 185 16.92 5.11 -7.32
N ASP A 186 15.94 4.60 -8.07
CA ASP A 186 14.84 5.45 -8.53
C ASP A 186 13.92 5.83 -7.38
N PHE A 187 13.66 4.89 -6.48
CA PHE A 187 12.92 5.23 -5.27
C PHE A 187 13.68 6.25 -4.44
N GLU A 188 15.00 6.05 -4.26
CA GLU A 188 15.77 7.01 -3.47
C GLU A 188 15.75 8.40 -4.11
N ASP A 189 15.88 8.48 -5.44
CA ASP A 189 15.82 9.78 -6.09
C ASP A 189 14.44 10.40 -5.96
N SER A 190 13.39 9.57 -6.02
CA SER A 190 12.03 10.07 -5.84
C SER A 190 11.83 10.60 -4.43
N TYR A 191 12.32 9.86 -3.43
CA TYR A 191 12.24 10.31 -2.04
C TYR A 191 12.93 11.65 -1.85
N LYS A 192 14.07 11.86 -2.51
CA LYS A 192 14.78 13.11 -2.26
C LYS A 192 14.02 14.30 -2.80
N LYS A 193 13.11 14.10 -3.76
CA LYS A 193 12.24 15.19 -4.19
C LYS A 193 11.41 15.72 -3.04
N TYR A 194 11.07 14.86 -2.07
CA TYR A 194 10.33 15.26 -0.89
C TYR A 194 11.21 15.52 0.31
N LEU A 195 12.51 15.73 0.07
CA LEU A 195 13.48 16.03 1.12
C LEU A 195 13.60 14.90 2.14
N HIS A 196 13.33 13.67 1.71
CA HIS A 196 13.52 12.50 2.56
C HIS A 196 14.91 11.92 2.32
N THR A 197 15.57 11.55 3.42
CA THR A 197 16.79 10.76 3.34
C THR A 197 16.42 9.32 3.66
N VAL A 198 16.84 8.40 2.79
CA VAL A 198 16.58 6.99 3.05
C VAL A 198 17.61 6.49 4.05
N LYS A 199 17.13 5.93 5.16
CA LYS A 199 18.01 5.41 6.19
C LYS A 199 18.28 3.92 6.00
N LYS A 200 17.24 3.12 5.78
CA LYS A 200 17.35 1.67 5.62
C LYS A 200 16.58 1.24 4.38
N VAL A 201 17.13 0.26 3.68
CA VAL A 201 16.40 -0.45 2.64
C VAL A 201 16.38 -1.92 3.04
N LYS A 202 15.20 -2.52 3.02
CA LYS A 202 15.02 -3.93 3.33
C LYS A 202 14.42 -4.62 2.11
N ILE A 203 15.07 -5.68 1.64
CA ILE A 203 14.55 -6.49 0.55
C ILE A 203 14.12 -7.83 1.13
N GLY A 204 12.91 -8.27 0.78
CA GLY A 204 12.43 -9.58 1.18
C GLY A 204 12.87 -10.67 0.20
N LEU A 205 12.36 -11.88 0.46
CA LEU A 205 12.50 -12.99 -0.46
C LEU A 205 11.36 -12.94 -1.47
N TYR A 206 11.52 -13.69 -2.56
CA TYR A 206 10.39 -13.90 -3.45
C TYR A 206 9.22 -14.45 -2.66
N VAL A 207 8.02 -13.94 -2.91
CA VAL A 207 6.84 -14.51 -2.27
C VAL A 207 6.37 -15.71 -3.08
N PRO A 208 6.27 -16.90 -2.48
CA PRO A 208 5.85 -18.07 -3.25
C PRO A 208 4.44 -17.93 -3.79
N HIS A 209 4.26 -18.35 -5.04
CA HIS A 209 2.92 -18.42 -5.62
C HIS A 209 2.08 -19.48 -4.94
N GLU A 210 2.70 -20.55 -4.47
CA GLU A 210 2.00 -21.63 -3.76
C GLU A 210 2.74 -21.86 -2.45
N PRO A 211 2.54 -21.00 -1.45
CA PRO A 211 3.32 -21.10 -0.22
C PRO A 211 2.88 -22.28 0.64
N HIS A 212 3.82 -22.77 1.45
CA HIS A 212 3.48 -23.72 2.49
C HIS A 212 2.45 -23.12 3.45
N SER A 213 1.69 -24.00 4.11
CA SER A 213 0.58 -23.57 4.96
C SER A 213 0.99 -22.49 5.96
N PHE A 214 2.21 -22.56 6.49
CA PHE A 214 2.63 -21.67 7.56
C PHE A 214 3.67 -20.66 7.12
N GLN A 215 3.94 -20.58 5.83
CA GLN A 215 4.99 -19.71 5.35
C GLN A 215 4.51 -18.26 5.38
N PRO A 216 5.23 -17.36 6.03
CA PRO A 216 4.88 -15.95 5.96
C PRO A 216 5.65 -15.24 4.85
N ILE A 217 5.37 -13.95 4.65
CA ILE A 217 6.29 -13.13 3.89
C ILE A 217 7.55 -12.95 4.69
N GLU A 218 8.70 -13.01 4.02
CA GLU A 218 9.98 -12.66 4.64
C GLU A 218 10.31 -11.23 4.20
N TRP A 219 10.38 -10.32 5.17
CA TRP A 219 10.45 -8.90 4.83
C TRP A 219 11.86 -8.34 4.80
N LYS A 220 12.84 -9.02 5.39
CA LYS A 220 14.13 -8.41 5.67
C LYS A 220 15.24 -9.42 5.47
N GLN A 221 15.28 -10.04 4.28
CA GLN A 221 16.39 -10.92 3.97
C GLN A 221 17.68 -10.13 3.76
N LEU A 222 17.59 -8.99 3.08
CA LEU A 222 18.71 -8.07 2.98
C LEU A 222 18.30 -6.74 3.62
N VAL A 223 19.13 -6.25 4.53
CA VAL A 223 18.94 -4.94 5.16
C VAL A 223 20.20 -4.12 4.91
N LEU A 224 20.06 -3.00 4.22
CA LEU A 224 21.16 -2.09 3.98
C LEU A 224 20.91 -0.79 4.73
N ASN A 225 21.90 -0.37 5.51
CA ASN A 225 21.86 0.95 6.15
C ASN A 225 22.46 1.94 5.16
N VAL A 226 21.64 2.29 4.15
CA VAL A 226 22.11 2.99 2.96
C VAL A 226 22.64 4.38 3.28
N SER A 227 22.10 5.03 4.33
CA SER A 227 22.60 6.35 4.68
C SER A 227 24.06 6.31 5.08
N LYS A 228 24.58 5.15 5.48
CA LYS A 228 25.97 4.99 5.87
C LYS A 228 26.87 4.53 4.75
N MET A 229 26.32 4.15 3.60
CA MET A 229 27.11 3.55 2.52
C MET A 229 27.26 4.48 1.34
N LEU A 230 28.37 4.32 0.63
CA LEU A 230 28.54 4.96 -0.67
C LEU A 230 27.73 4.22 -1.72
N ARG A 231 27.27 4.96 -2.73
CA ARG A 231 26.35 4.36 -3.70
C ARG A 231 26.98 3.18 -4.43
N ALA A 232 28.30 3.21 -4.64
CA ALA A 232 28.95 2.06 -5.27
C ALA A 232 28.77 0.80 -4.44
N ASP A 233 28.82 0.94 -3.12
CA ASP A 233 28.68 -0.22 -2.24
C ASP A 233 27.23 -0.66 -2.14
N ILE A 234 26.30 0.29 -2.14
CA ILE A 234 24.89 -0.05 -2.19
C ILE A 234 24.59 -0.89 -3.42
N ARG A 235 25.05 -0.42 -4.59
CA ARG A 235 24.78 -1.16 -5.81
C ARG A 235 25.43 -2.54 -5.77
N LYS A 236 26.68 -2.60 -5.30
CA LYS A 236 27.38 -3.86 -5.14
C LYS A 236 26.55 -4.87 -4.33
N GLU A 237 26.00 -4.41 -3.22
CA GLU A 237 25.28 -5.32 -2.31
C GLU A 237 23.91 -5.70 -2.86
N LEU A 238 23.19 -4.75 -3.45
CA LEU A 238 21.91 -5.08 -4.09
C LEU A 238 22.10 -6.04 -5.25
N GLU A 239 23.10 -5.80 -6.09
CA GLU A 239 23.29 -6.66 -7.24
C GLU A 239 23.66 -8.08 -6.82
N LYS A 240 24.50 -8.21 -5.78
CA LYS A 240 24.84 -9.53 -5.29
C LYS A 240 23.60 -10.25 -4.79
N TYR A 241 22.79 -9.57 -3.99
CA TYR A 241 21.57 -10.17 -3.45
C TYR A 241 20.59 -10.53 -4.55
N ALA A 242 20.42 -9.63 -5.54
CA ALA A 242 19.51 -9.90 -6.64
C ALA A 242 19.96 -11.11 -7.45
N ARG A 243 21.26 -11.26 -7.66
CA ARG A 243 21.78 -12.45 -8.31
C ARG A 243 21.46 -13.69 -7.48
N ASP A 244 21.57 -13.59 -6.16
CA ASP A 244 21.25 -14.72 -5.30
C ASP A 244 19.76 -15.06 -5.41
N MET A 245 18.90 -14.04 -5.45
CA MET A 245 17.47 -14.26 -5.66
C MET A 245 17.21 -15.00 -6.97
N ARG A 246 17.81 -14.51 -8.07
CA ARG A 246 17.51 -15.07 -9.38
C ARG A 246 18.02 -16.49 -9.55
N MET A 247 18.99 -16.90 -8.73
CA MET A 247 19.52 -18.26 -8.78
C MET A 247 18.82 -19.21 -7.83
N LYS A 248 17.94 -18.72 -6.96
CA LYS A 248 17.20 -19.52 -5.97
C LYS A 248 18.14 -20.15 -4.93
N ILE A 249 19.15 -19.39 -4.50
CA ILE A 249 20.11 -19.86 -3.50
C ILE A 249 19.51 -19.83 -2.09
N GLN B 24 -30.90 -10.04 11.82
CA GLN B 24 -29.93 -10.98 11.27
C GLN B 24 -28.75 -10.23 10.65
N LYS B 25 -28.10 -10.86 9.68
CA LYS B 25 -27.01 -10.23 8.95
C LYS B 25 -27.48 -9.14 7.98
N SER B 26 -28.79 -8.90 7.91
CA SER B 26 -29.33 -7.94 6.95
C SER B 26 -29.02 -6.51 7.36
N ALA B 27 -29.43 -6.13 8.58
CA ALA B 27 -29.17 -4.78 9.08
C ALA B 27 -27.67 -4.49 9.11
N GLN B 28 -26.84 -5.53 9.24
CA GLN B 28 -25.40 -5.33 9.26
C GLN B 28 -24.89 -4.92 7.88
N GLN B 29 -25.44 -5.51 6.82
CA GLN B 29 -25.00 -5.13 5.48
C GLN B 29 -25.41 -3.69 5.17
N GLU B 30 -26.59 -3.28 5.62
CA GLU B 30 -26.99 -1.88 5.46
C GLU B 30 -25.99 -0.95 6.15
N LEU B 31 -25.53 -1.30 7.35
CA LEU B 31 -24.54 -0.48 8.04
C LEU B 31 -23.22 -0.44 7.28
N LYS B 32 -22.78 -1.58 6.74
CA LYS B 32 -21.56 -1.60 5.95
C LYS B 32 -21.64 -0.61 4.80
N GLN B 33 -22.79 -0.58 4.12
CA GLN B 33 -22.91 0.29 2.96
C GLN B 33 -22.93 1.76 3.35
N ARG B 34 -23.61 2.09 4.46
CA ARG B 34 -23.63 3.48 4.90
C ARG B 34 -22.24 3.89 5.39
N GLN B 35 -21.55 3.00 6.10
CA GLN B 35 -20.20 3.29 6.54
C GLN B 35 -19.27 3.50 5.34
N ARG B 36 -19.45 2.72 4.28
CA ARG B 36 -18.59 2.84 3.10
C ARG B 36 -18.84 4.18 2.38
N ALA B 37 -20.11 4.56 2.21
CA ALA B 37 -20.41 5.85 1.62
C ALA B 37 -19.77 6.98 2.41
N GLU B 38 -19.84 6.92 3.75
CA GLU B 38 -19.23 7.97 4.56
C GLU B 38 -17.71 7.91 4.50
N ILE B 39 -17.15 6.71 4.43
CA ILE B 39 -15.70 6.59 4.34
C ILE B 39 -15.19 7.26 3.07
N TYR B 40 -15.87 7.02 1.95
CA TYR B 40 -15.38 7.60 0.70
C TYR B 40 -15.61 9.10 0.66
N ALA B 41 -16.74 9.57 1.20
CA ALA B 41 -16.93 11.02 1.34
C ALA B 41 -15.79 11.62 2.16
N LEU B 42 -15.50 11.01 3.32
CA LEU B 42 -14.43 11.51 4.18
C LEU B 42 -13.07 11.40 3.49
N ASN B 43 -12.80 10.28 2.82
CA ASN B 43 -11.49 10.12 2.20
C ASN B 43 -11.26 11.17 1.12
N ARG B 44 -12.30 11.53 0.37
CA ARG B 44 -12.15 12.60 -0.61
C ARG B 44 -11.74 13.91 0.06
N VAL B 45 -12.43 14.26 1.16
CA VAL B 45 -12.14 15.51 1.86
C VAL B 45 -10.71 15.49 2.41
N MET B 46 -10.32 14.39 3.06
CA MET B 46 -8.97 14.29 3.61
C MET B 46 -7.92 14.27 2.51
N THR B 47 -8.24 13.63 1.36
CA THR B 47 -7.28 13.63 0.25
C THR B 47 -7.09 15.05 -0.27
N GLU B 48 -8.18 15.82 -0.35
CA GLU B 48 -8.04 17.19 -0.80
C GLU B 48 -7.23 18.01 0.19
N LEU B 49 -7.40 17.76 1.48
CA LEU B 49 -6.61 18.44 2.49
C LEU B 49 -5.13 18.15 2.30
N GLU B 50 -4.77 16.87 2.27
CA GLU B 50 -3.37 16.49 2.10
C GLU B 50 -2.80 17.09 0.82
N GLN B 51 -3.62 17.19 -0.24
CA GLN B 51 -3.16 17.79 -1.48
C GLN B 51 -2.86 19.28 -1.31
N GLN B 52 -3.71 20.00 -0.59
CA GLN B 52 -3.44 21.42 -0.34
C GLN B 52 -2.16 21.60 0.47
N GLN B 53 -2.02 20.85 1.57
CA GLN B 53 -0.84 20.97 2.41
C GLN B 53 0.42 20.65 1.62
N PHE B 54 0.38 19.59 0.82
CA PHE B 54 1.53 19.24 -0.01
C PHE B 54 1.83 20.35 -1.01
N ASP B 55 0.79 20.99 -1.54
CA ASP B 55 1.02 22.11 -2.46
C ASP B 55 1.63 23.31 -1.72
N GLU B 56 1.22 23.52 -0.46
CA GLU B 56 1.77 24.65 0.30
C GLU B 56 3.22 24.41 0.67
N PHE B 57 3.58 23.19 1.06
CA PHE B 57 4.98 22.88 1.38
C PHE B 57 5.87 23.02 0.16
N SER B 58 5.42 22.52 -0.99
CA SER B 58 6.16 22.60 -2.25
C SER B 58 6.10 23.99 -2.88
N LYS B 59 6.07 25.04 -2.08
CA LYS B 59 6.04 26.40 -2.58
C LYS B 59 6.57 27.36 -1.53
N GLU C 17 2.38 -0.29 8.29
CA GLU C 17 3.52 0.60 8.40
C GLU C 17 3.16 1.96 9.03
N GLY C 18 2.06 2.54 8.54
CA GLY C 18 1.52 3.77 9.06
C GLY C 18 1.64 4.98 8.15
N GLU C 19 2.88 5.41 7.84
CA GLU C 19 3.13 6.69 7.19
C GLU C 19 3.19 6.57 5.67
N CYS C 20 3.85 5.54 5.15
CA CYS C 20 3.76 5.20 3.74
C CYS C 20 4.15 6.35 2.80
N TYR C 21 5.33 6.92 3.05
CA TYR C 21 5.85 7.94 2.16
#